data_8AKF
#
_entry.id   8AKF
#
_cell.length_a   91.033
_cell.length_b   91.033
_cell.length_c   143.095
_cell.angle_alpha   90.000
_cell.angle_beta   90.000
_cell.angle_gamma   120.000
#
_symmetry.space_group_name_H-M   'P 63'
#
loop_
_entity.id
_entity.type
_entity.pdbx_description
1 polymer 'NAD-dependent protein deacetylase sirtuin-6'
2 non-polymer '[(2R,3S,4R,5R)-5-(6-AMINOPURIN-9-YL)-3,4-DIHYDROXY-OXOLAN-2-YL]METHYL [HYDROXY-[[(2R,3S,4R,5S)-3,4,5-TRIHYDROXYOXOLAN-2-YL]METHOXY]PHOSPHORYL] HYDROGEN PHOSPHATE'
3 non-polymer 'ZINC ION'
4 non-polymer DI(HYDROXYETHYL)ETHER
5 non-polymer 'SULFATE ION'
6 non-polymer 3-aminobenzamide
7 non-polymer 'CHLORIDE ION'
8 non-polymer 1,2-ETHANEDIOL
9 water water
#
_entity_poly.entity_id   1
_entity_poly.type   'polypeptide(L)'
_entity_poly.pdbx_seq_one_letter_code
;GIDPFTADKGKCGLPEIFDPPEELERKVWELARLVWQSSSVVFHTGAGISTASGIPDFRGPHGVWTMEERGLAPKFDTTF
ESARPTQTHMALVQLERVGLLRFLVSQNVDGLHVRSGFPRDKLAELHGNMFVEECAKCKTQYVRDTVVGTMGLKATGRLC
TVAKARGLRACRGELRDTILDWEDSLPDRDLALADEASRNADLSITLGTSLQIRPSGNLPLATKRRGGRLVIVNLQPTKH
DRHADLRIHGYVDEVMTRLMKHLGLEIPAWDGPRVLERALPPLPRPPTPKLEPKEESPTRIN
;
_entity_poly.pdbx_strand_id   A,B
#
loop_
_chem_comp.id
_chem_comp.type
_chem_comp.name
_chem_comp.formula
3AB non-polymer 3-aminobenzamide 'C7 H8 N2 O'
AR6 non-polymer '[(2R,3S,4R,5R)-5-(6-AMINOPURIN-9-YL)-3,4-DIHYDROXY-OXOLAN-2-YL]METHYL [HYDROXY-[[(2R,3S,4R,5S)-3,4,5-TRIHYDROXYOXOLAN-2-YL]METHOXY]PHOSPHORYL] HYDROGEN PHOSPHATE' 'C15 H23 N5 O14 P2'
CL non-polymer 'CHLORIDE ION' 'Cl -1'
EDO non-polymer 1,2-ETHANEDIOL 'C2 H6 O2'
PEG non-polymer DI(HYDROXYETHYL)ETHER 'C4 H10 O3'
SO4 non-polymer 'SULFATE ION' 'O4 S -2'
ZN non-polymer 'ZINC ION' 'Zn 2'
#
# COMPACT_ATOMS: atom_id res chain seq x y z
N PRO A 4 7.38 -11.91 27.99
CA PRO A 4 6.47 -10.96 27.36
C PRO A 4 7.01 -9.53 27.45
N PHE A 5 7.72 -9.24 28.54
CA PHE A 5 8.54 -8.03 28.75
C PHE A 5 10.01 -8.42 28.53
N THR A 6 10.39 -9.63 28.93
CA THR A 6 11.80 -10.12 28.88
C THR A 6 12.10 -10.81 27.55
N ALA A 7 11.11 -10.93 26.66
CA ALA A 7 11.20 -11.76 25.43
C ALA A 7 12.44 -11.36 24.61
N ASP A 8 13.17 -12.33 24.07
CA ASP A 8 14.29 -12.08 23.12
C ASP A 8 13.69 -11.75 21.75
N LYS A 9 13.81 -10.48 21.33
CA LYS A 9 13.19 -9.93 20.10
C LYS A 9 14.23 -9.86 18.98
N GLY A 10 15.42 -10.42 19.24
CA GLY A 10 16.50 -10.65 18.26
C GLY A 10 17.18 -9.35 17.89
N LYS A 11 17.83 -9.31 16.72
CA LYS A 11 18.51 -8.11 16.19
C LYS A 11 17.49 -7.23 15.48
N CYS A 12 17.60 -5.91 15.63
CA CYS A 12 16.52 -4.92 15.29
C CYS A 12 17.16 -3.67 14.69
N GLY A 13 16.61 -3.12 13.60
CA GLY A 13 17.08 -1.84 12.97
C GLY A 13 18.48 -1.92 12.38
N LEU A 14 18.94 -3.10 11.96
CA LEU A 14 20.14 -3.26 11.11
C LEU A 14 19.98 -2.42 9.84
N PRO A 15 21.10 -1.97 9.27
CA PRO A 15 21.07 -1.17 8.06
C PRO A 15 20.39 -1.88 6.88
N GLU A 16 19.77 -1.07 6.03
CA GLU A 16 19.23 -1.54 4.74
C GLU A 16 20.40 -1.65 3.76
N ILE A 17 20.35 -2.71 2.95
CA ILE A 17 21.17 -2.91 1.74
C ILE A 17 20.29 -2.66 0.52
N PHE A 18 20.78 -1.88 -0.43
CA PHE A 18 20.15 -1.63 -1.75
C PHE A 18 21.08 -2.16 -2.83
N ASP A 19 20.66 -3.24 -3.51
CA ASP A 19 21.40 -3.72 -4.70
C ASP A 19 21.34 -2.58 -5.71
N PRO A 20 22.48 -2.19 -6.33
CA PRO A 20 22.44 -1.20 -7.41
C PRO A 20 21.61 -1.77 -8.55
N PRO A 21 20.86 -0.91 -9.28
CA PRO A 21 19.97 -1.33 -10.36
C PRO A 21 20.42 -2.44 -11.30
N GLU A 22 21.65 -2.36 -11.81
CA GLU A 22 22.26 -3.30 -12.78
C GLU A 22 22.37 -4.69 -12.15
N GLU A 23 22.82 -4.77 -10.90
CA GLU A 23 22.93 -6.04 -10.14
C GLU A 23 21.52 -6.57 -9.79
N LEU A 24 20.56 -5.69 -9.48
CA LEU A 24 19.19 -6.09 -9.06
C LEU A 24 18.48 -6.72 -10.26
N GLU A 25 18.49 -6.04 -11.42
CA GLU A 25 17.89 -6.56 -12.68
C GLU A 25 18.50 -7.91 -13.05
N ARG A 26 19.82 -8.07 -12.95
CA ARG A 26 20.55 -9.35 -13.18
C ARG A 26 20.03 -10.41 -12.19
N LYS A 27 19.89 -10.04 -10.92
CA LYS A 27 19.52 -10.99 -9.82
C LYS A 27 18.09 -11.48 -10.04
N VAL A 28 17.19 -10.67 -10.60
CA VAL A 28 15.74 -11.01 -10.65
C VAL A 28 15.50 -11.97 -11.85
N TRP A 29 16.23 -11.77 -12.94
CA TRP A 29 16.37 -12.71 -14.09
C TRP A 29 16.89 -14.07 -13.61
N GLU A 30 17.93 -14.06 -12.77
CA GLU A 30 18.42 -15.30 -12.11
C GLU A 30 17.35 -15.96 -11.23
N LEU A 31 16.53 -15.21 -10.48
CA LEU A 31 15.37 -15.78 -9.71
C LEU A 31 14.39 -16.40 -10.72
N ALA A 32 13.98 -15.64 -11.74
CA ALA A 32 13.19 -16.13 -12.90
C ALA A 32 13.65 -17.52 -13.35
N ARG A 33 14.96 -17.65 -13.64
CA ARG A 33 15.67 -18.88 -14.06
C ARG A 33 15.34 -20.04 -13.12
N LEU A 34 15.47 -19.80 -11.81
CA LEU A 34 15.40 -20.86 -10.77
C LEU A 34 13.95 -21.31 -10.62
N VAL A 35 13.01 -20.38 -10.84
CA VAL A 35 11.55 -20.65 -10.71
C VAL A 35 11.17 -21.55 -11.88
N TRP A 36 11.76 -21.30 -13.06
CA TRP A 36 11.52 -22.08 -14.31
C TRP A 36 12.10 -23.51 -14.15
N GLN A 37 13.25 -23.66 -13.49
CA GLN A 37 13.97 -24.95 -13.29
C GLN A 37 13.37 -25.75 -12.13
N SER A 38 12.64 -25.11 -11.22
CA SER A 38 12.17 -25.76 -9.97
C SER A 38 10.83 -26.46 -10.19
N SER A 39 10.78 -27.75 -9.87
CA SER A 39 9.55 -28.58 -9.78
C SER A 39 8.62 -28.11 -8.65
N SER A 40 9.17 -27.75 -7.48
CA SER A 40 8.38 -27.49 -6.25
C SER A 40 8.88 -26.22 -5.52
N VAL A 41 8.27 -25.05 -5.83
CA VAL A 41 8.65 -23.72 -5.27
C VAL A 41 7.80 -23.41 -4.01
N VAL A 42 8.47 -23.15 -2.89
CA VAL A 42 7.89 -22.72 -1.59
C VAL A 42 8.35 -21.31 -1.28
N PHE A 43 7.38 -20.46 -0.99
CA PHE A 43 7.57 -19.05 -0.57
C PHE A 43 7.31 -19.01 0.92
N HIS A 44 8.26 -18.37 1.61
CA HIS A 44 8.23 -18.04 3.04
C HIS A 44 8.07 -16.53 3.17
N THR A 45 6.97 -16.05 3.75
CA THR A 45 6.72 -14.58 3.93
C THR A 45 6.72 -14.22 5.42
N GLY A 46 7.01 -12.93 5.64
CA GLY A 46 7.15 -12.21 6.90
C GLY A 46 6.79 -10.75 6.61
N ALA A 47 6.88 -9.90 7.61
CA ALA A 47 6.13 -8.63 7.81
C ALA A 47 6.56 -7.62 6.76
N GLY A 48 7.70 -7.86 6.11
CA GLY A 48 8.29 -6.94 5.13
C GLY A 48 7.45 -6.85 3.86
N ILE A 49 6.69 -7.90 3.51
CA ILE A 49 5.77 -7.90 2.33
C ILE A 49 4.50 -7.06 2.60
N SER A 50 4.29 -6.53 3.80
CA SER A 50 3.03 -5.82 4.17
C SER A 50 3.34 -4.35 4.50
N THR A 51 4.62 -3.98 4.43
CA THR A 51 5.06 -2.61 4.76
C THR A 51 4.52 -1.64 3.70
N ALA A 52 4.41 -2.06 2.43
CA ALA A 52 3.91 -1.21 1.31
C ALA A 52 2.37 -1.09 1.32
N SER A 53 1.69 -1.75 2.26
CA SER A 53 0.23 -1.60 2.52
C SER A 53 -0.09 -0.79 3.80
N GLY A 54 0.90 -0.26 4.54
CA GLY A 54 0.77 0.64 5.70
C GLY A 54 1.09 -0.08 7.00
N ILE A 55 1.32 -1.40 6.96
CA ILE A 55 1.65 -2.19 8.18
C ILE A 55 3.17 -2.14 8.44
N PRO A 56 3.59 -1.57 9.59
CA PRO A 56 4.99 -1.58 9.97
C PRO A 56 5.48 -3.02 10.16
N ASP A 57 6.75 -3.26 9.94
CA ASP A 57 7.36 -4.58 10.29
C ASP A 57 7.81 -4.58 11.75
N PHE A 58 8.49 -5.63 12.18
CA PHE A 58 9.00 -5.74 13.57
C PHE A 58 10.43 -5.22 13.69
N ARG A 59 11.38 -5.62 12.81
CA ARG A 59 12.79 -5.29 13.08
C ARG A 59 13.42 -4.41 11.99
N GLY A 60 12.60 -3.82 11.12
CA GLY A 60 13.02 -2.82 10.11
C GLY A 60 13.32 -1.48 10.78
N PRO A 61 13.98 -0.50 10.11
CA PRO A 61 14.33 0.77 10.75
C PRO A 61 13.23 1.39 11.63
N HIS A 62 11.97 1.34 11.19
CA HIS A 62 10.76 1.83 11.90
C HIS A 62 9.84 0.67 12.28
N GLY A 63 10.41 -0.51 12.53
CA GLY A 63 9.65 -1.67 12.99
C GLY A 63 9.19 -1.57 14.44
N VAL A 64 8.15 -2.33 14.79
CA VAL A 64 7.51 -2.33 16.14
C VAL A 64 8.56 -2.55 17.22
N TRP A 65 9.37 -3.61 17.11
CA TRP A 65 10.48 -3.92 18.05
C TRP A 65 11.55 -2.82 18.00
N THR A 66 11.93 -2.38 16.81
CA THR A 66 13.00 -1.36 16.63
C THR A 66 12.61 -0.06 17.34
N MET A 67 11.37 0.39 17.17
CA MET A 67 10.91 1.68 17.73
C MET A 67 10.73 1.54 19.24
N GLU A 68 10.22 0.40 19.74
CA GLU A 68 10.01 0.20 21.19
C GLU A 68 11.36 0.32 21.91
N GLU A 69 12.40 -0.17 21.25
CA GLU A 69 13.82 -0.14 21.72
C GLU A 69 14.30 1.32 21.84
N ARG A 70 13.90 2.19 20.91
CA ARG A 70 14.24 3.64 20.87
C ARG A 70 13.23 4.46 21.70
N GLY A 71 12.26 3.80 22.33
CA GLY A 71 11.18 4.50 23.07
C GLY A 71 10.17 5.17 22.14
N LEU A 72 10.02 4.69 20.90
CA LEU A 72 9.12 5.35 19.92
C LEU A 72 8.02 4.36 19.54
N ALA A 73 6.97 4.83 18.87
CA ALA A 73 5.81 3.99 18.50
C ALA A 73 5.99 3.58 17.04
N PRO A 74 5.61 2.35 16.64
CA PRO A 74 5.56 2.03 15.23
C PRO A 74 4.36 2.84 14.72
N LYS A 75 4.27 3.02 13.42
CA LYS A 75 3.18 3.83 12.80
C LYS A 75 2.41 2.93 11.82
N PHE A 76 1.11 2.77 12.04
CA PHE A 76 0.16 2.22 11.03
C PHE A 76 -0.36 3.39 10.19
N ASP A 77 -0.37 3.17 8.87
CA ASP A 77 -0.98 4.04 7.83
C ASP A 77 -2.25 3.39 7.29
N THR A 78 -2.65 2.25 7.87
CA THR A 78 -3.98 1.62 7.66
C THR A 78 -4.41 0.85 8.89
N THR A 79 -5.69 0.45 8.96
CA THR A 79 -6.18 -0.58 9.91
C THR A 79 -5.93 -1.94 9.26
N PHE A 80 -5.95 -3.01 10.06
CA PHE A 80 -5.79 -4.36 9.48
C PHE A 80 -6.93 -4.61 8.49
N GLU A 81 -8.12 -4.07 8.82
CA GLU A 81 -9.35 -4.23 8.01
C GLU A 81 -9.23 -3.49 6.68
N SER A 82 -8.64 -2.30 6.69
CA SER A 82 -8.57 -1.41 5.49
C SER A 82 -7.30 -1.65 4.68
N ALA A 83 -6.47 -2.64 5.03
CA ALA A 83 -5.16 -2.87 4.40
C ALA A 83 -5.42 -3.62 3.09
N ARG A 84 -4.74 -3.25 2.03
CA ARG A 84 -4.91 -3.97 0.77
C ARG A 84 -3.69 -4.86 0.59
N PRO A 85 -3.92 -6.11 0.11
CA PRO A 85 -2.83 -6.97 -0.33
C PRO A 85 -1.95 -6.15 -1.29
N THR A 86 -0.64 -6.27 -1.15
CA THR A 86 0.35 -5.67 -2.07
C THR A 86 0.41 -6.47 -3.38
N GLN A 87 1.05 -5.83 -4.35
CA GLN A 87 1.58 -6.37 -5.62
C GLN A 87 2.17 -7.77 -5.37
N THR A 88 3.01 -7.90 -4.35
CA THR A 88 3.69 -9.14 -3.87
C THR A 88 2.66 -10.16 -3.45
N HIS A 89 1.68 -9.76 -2.64
CA HIS A 89 0.55 -10.62 -2.25
C HIS A 89 -0.18 -11.17 -3.47
N MET A 90 -0.53 -10.28 -4.40
CA MET A 90 -1.30 -10.62 -5.59
C MET A 90 -0.36 -11.34 -6.58
N ALA A 91 0.96 -11.12 -6.53
CA ALA A 91 1.93 -11.90 -7.36
C ALA A 91 1.91 -13.36 -6.90
N LEU A 92 1.92 -13.59 -5.58
CA LEU A 92 1.87 -14.95 -4.97
C LEU A 92 0.56 -15.72 -5.30
N VAL A 93 -0.61 -15.05 -5.36
CA VAL A 93 -1.94 -15.57 -5.81
C VAL A 93 -1.76 -16.23 -7.18
N GLN A 94 -1.40 -15.43 -8.18
CA GLN A 94 -1.14 -15.83 -9.59
C GLN A 94 -0.10 -16.95 -9.66
N LEU A 95 0.98 -16.90 -8.86
CA LEU A 95 2.07 -17.91 -8.91
C LEU A 95 1.51 -19.27 -8.45
N GLU A 96 0.61 -19.25 -7.49
CA GLU A 96 -0.18 -20.46 -7.09
C GLU A 96 -1.12 -20.86 -8.24
N ARG A 97 -1.87 -19.92 -8.83
CA ARG A 97 -2.93 -20.23 -9.80
C ARG A 97 -2.27 -20.91 -11.01
N VAL A 98 -1.03 -20.55 -11.38
CA VAL A 98 -0.46 -21.04 -12.67
C VAL A 98 0.48 -22.22 -12.39
N GLY A 99 0.53 -22.69 -11.13
CA GLY A 99 1.19 -23.95 -10.70
C GLY A 99 2.68 -23.74 -10.50
N LEU A 100 3.11 -22.49 -10.38
CA LEU A 100 4.50 -22.09 -10.12
C LEU A 100 4.81 -21.95 -8.63
N LEU A 101 3.82 -22.09 -7.74
CA LEU A 101 3.97 -22.01 -6.27
C LEU A 101 3.32 -23.24 -5.65
N ARG A 102 4.10 -24.16 -5.06
CA ARG A 102 3.57 -25.39 -4.41
C ARG A 102 3.00 -25.08 -3.01
N PHE A 103 3.69 -24.25 -2.20
CA PHE A 103 3.24 -23.90 -0.82
C PHE A 103 3.71 -22.50 -0.38
N LEU A 104 2.82 -21.85 0.37
CA LEU A 104 3.03 -20.54 1.05
C LEU A 104 3.06 -20.73 2.57
N VAL A 105 4.22 -20.43 3.17
CA VAL A 105 4.46 -20.42 4.64
C VAL A 105 4.60 -18.96 5.12
N SER A 106 3.68 -18.46 5.97
CA SER A 106 3.72 -17.07 6.44
C SER A 106 3.76 -17.02 7.96
N GLN A 107 4.63 -16.16 8.40
CA GLN A 107 4.75 -15.72 9.80
C GLN A 107 3.67 -14.68 10.06
N ASN A 108 3.01 -14.12 9.01
CA ASN A 108 2.19 -12.89 9.21
C ASN A 108 0.80 -13.22 9.75
N VAL A 109 0.37 -12.41 10.70
CA VAL A 109 -0.95 -12.44 11.41
C VAL A 109 -1.85 -11.36 10.81
N ASP A 110 -1.33 -10.57 9.87
CA ASP A 110 -2.07 -9.43 9.22
C ASP A 110 -3.32 -9.89 8.43
N GLY A 111 -3.57 -11.19 8.26
CA GLY A 111 -4.66 -11.76 7.46
C GLY A 111 -4.68 -11.53 5.95
N LEU A 112 -3.67 -10.94 5.32
CA LEU A 112 -3.81 -10.42 3.93
C LEU A 112 -3.67 -11.53 2.90
N HIS A 113 -2.81 -12.51 3.17
CA HIS A 113 -2.75 -13.75 2.37
C HIS A 113 -4.17 -14.34 2.18
N VAL A 114 -4.92 -14.61 3.27
CA VAL A 114 -6.31 -15.16 3.23
C VAL A 114 -7.21 -14.21 2.43
N ARG A 115 -7.23 -12.93 2.79
CA ARG A 115 -8.03 -11.86 2.11
C ARG A 115 -7.66 -11.67 0.63
N SER A 116 -6.40 -11.91 0.25
CA SER A 116 -5.90 -11.78 -1.15
C SER A 116 -6.60 -12.78 -2.06
N GLY A 117 -7.03 -13.93 -1.52
CA GLY A 117 -7.83 -14.98 -2.17
C GLY A 117 -6.96 -16.19 -2.39
N PHE A 118 -5.81 -16.22 -1.71
CA PHE A 118 -4.82 -17.32 -1.76
C PHE A 118 -5.46 -18.55 -1.10
N PRO A 119 -5.32 -19.77 -1.66
CA PRO A 119 -6.02 -20.93 -1.10
C PRO A 119 -5.42 -21.48 0.21
N ARG A 120 -6.29 -21.63 1.22
CA ARG A 120 -5.89 -21.87 2.63
C ARG A 120 -5.25 -23.27 2.74
N ASP A 121 -5.63 -24.22 1.89
CA ASP A 121 -4.97 -25.55 1.90
C ASP A 121 -3.54 -25.47 1.32
N LYS A 122 -3.07 -24.32 0.81
CA LYS A 122 -1.64 -24.17 0.41
C LYS A 122 -0.96 -23.12 1.30
N LEU A 123 -1.65 -22.63 2.33
CA LEU A 123 -1.07 -21.61 3.23
C LEU A 123 -0.90 -22.18 4.64
N ALA A 124 0.32 -22.13 5.14
CA ALA A 124 0.66 -22.27 6.58
C ALA A 124 0.82 -20.88 7.19
N GLU A 125 -0.10 -20.47 8.07
CA GLU A 125 -0.03 -19.24 8.90
C GLU A 125 0.53 -19.60 10.28
N LEU A 126 1.85 -19.51 10.41
CA LEU A 126 2.64 -20.18 11.48
C LEU A 126 2.39 -19.50 12.82
N HIS A 127 2.09 -18.20 12.81
CA HIS A 127 1.83 -17.40 14.02
C HIS A 127 0.32 -17.09 14.15
N GLY A 128 -0.50 -17.52 13.20
CA GLY A 128 -1.97 -17.33 13.24
C GLY A 128 -2.35 -16.11 12.42
N ASN A 129 -3.59 -15.67 12.58
CA ASN A 129 -4.32 -14.71 11.71
C ASN A 129 -5.26 -13.91 12.62
N MET A 130 -5.15 -12.57 12.61
CA MET A 130 -5.98 -11.64 13.41
C MET A 130 -7.47 -11.82 13.11
N PHE A 131 -7.88 -12.20 11.88
CA PHE A 131 -9.30 -12.30 11.46
C PHE A 131 -9.87 -13.69 11.77
N VAL A 132 -9.08 -14.60 12.29
CA VAL A 132 -9.53 -16.02 12.36
C VAL A 132 -9.72 -16.43 13.80
N GLU A 133 -10.88 -17.01 14.11
CA GLU A 133 -11.12 -17.68 15.42
C GLU A 133 -11.30 -19.20 15.19
N GLU A 134 -10.98 -19.96 16.23
CA GLU A 134 -11.03 -21.45 16.21
C GLU A 134 -11.92 -21.90 17.36
N CYS A 135 -12.67 -22.98 17.17
CA CYS A 135 -13.50 -23.61 18.24
C CYS A 135 -12.60 -24.53 19.05
N ALA A 136 -12.59 -24.38 20.37
CA ALA A 136 -11.81 -25.27 21.27
C ALA A 136 -12.32 -26.70 21.15
N LYS A 137 -13.65 -26.89 21.18
CA LYS A 137 -14.29 -28.23 21.19
C LYS A 137 -14.06 -28.96 19.85
N CYS A 138 -14.41 -28.33 18.72
CA CYS A 138 -14.40 -29.05 17.41
C CYS A 138 -13.26 -28.58 16.50
N LYS A 139 -12.56 -27.50 16.88
CA LYS A 139 -11.37 -26.96 16.15
C LYS A 139 -11.81 -26.28 14.85
N THR A 140 -13.11 -26.07 14.63
CA THR A 140 -13.63 -25.39 13.41
C THR A 140 -13.07 -23.97 13.38
N GLN A 141 -12.67 -23.50 12.19
CA GLN A 141 -12.10 -22.14 12.00
C GLN A 141 -13.11 -21.25 11.28
N TYR A 142 -13.18 -19.97 11.67
CA TYR A 142 -14.03 -18.91 11.07
C TYR A 142 -13.14 -17.75 10.62
N VAL A 143 -13.27 -17.34 9.35
CA VAL A 143 -12.48 -16.22 8.79
C VAL A 143 -13.44 -15.02 8.86
N ARG A 144 -13.13 -14.04 9.71
CA ARG A 144 -14.04 -12.92 10.04
C ARG A 144 -13.65 -11.72 9.20
N ASP A 145 -14.55 -10.75 9.06
CA ASP A 145 -14.34 -9.54 8.22
C ASP A 145 -13.75 -8.42 9.08
N THR A 146 -13.73 -8.64 10.38
CA THR A 146 -13.09 -7.73 11.35
C THR A 146 -12.08 -8.53 12.13
N VAL A 147 -11.02 -7.86 12.61
CA VAL A 147 -9.96 -8.52 13.42
C VAL A 147 -10.60 -9.00 14.72
N VAL A 148 -10.24 -10.20 15.14
CA VAL A 148 -10.70 -10.85 16.38
C VAL A 148 -9.96 -10.17 17.55
N GLY A 149 -10.71 -9.57 18.48
CA GLY A 149 -10.25 -8.48 19.36
C GLY A 149 -9.17 -8.89 20.34
N THR A 150 -9.10 -10.19 20.66
CA THR A 150 -8.08 -10.75 21.59
C THR A 150 -6.83 -11.17 20.82
N MET A 151 -5.74 -11.39 21.57
CA MET A 151 -4.50 -12.06 21.11
C MET A 151 -3.98 -12.87 22.31
N GLY A 152 -3.50 -14.09 22.07
CA GLY A 152 -2.92 -14.97 23.10
C GLY A 152 -3.65 -16.31 23.23
N LEU A 153 -4.39 -16.72 22.19
CA LEU A 153 -5.31 -17.91 22.17
C LEU A 153 -6.40 -17.82 23.26
N LYS A 154 -6.93 -16.63 23.57
CA LYS A 154 -7.98 -16.40 24.60
C LYS A 154 -9.40 -16.60 24.02
N ALA A 155 -10.40 -16.66 24.89
CA ALA A 155 -11.84 -16.67 24.51
C ALA A 155 -12.16 -15.30 23.89
N THR A 156 -12.91 -15.29 22.78
CA THR A 156 -13.30 -14.05 22.08
C THR A 156 -14.63 -13.52 22.63
N GLY A 157 -15.54 -14.42 23.03
CA GLY A 157 -16.91 -14.10 23.52
C GLY A 157 -17.99 -14.69 22.61
N ARG A 158 -17.61 -15.03 21.38
CA ARG A 158 -18.48 -15.77 20.43
C ARG A 158 -18.36 -17.28 20.66
N LEU A 159 -19.33 -18.02 20.13
CA LEU A 159 -19.52 -19.48 20.34
C LEU A 159 -19.74 -20.14 18.98
N CYS A 160 -19.32 -21.40 18.87
CA CYS A 160 -19.32 -22.15 17.60
C CYS A 160 -20.77 -22.33 17.08
N THR A 161 -20.95 -22.44 15.76
CA THR A 161 -22.29 -22.60 15.09
C THR A 161 -22.34 -23.86 14.23
N VAL A 162 -21.42 -24.82 14.41
CA VAL A 162 -21.44 -26.09 13.63
C VAL A 162 -22.74 -26.81 13.95
N ALA A 163 -23.62 -26.98 12.95
CA ALA A 163 -24.98 -27.54 13.04
C ALA A 163 -25.22 -28.19 14.41
N CYS A 171 -22.92 -27.07 18.49
CA CYS A 171 -21.61 -27.16 19.17
C CYS A 171 -21.55 -26.20 20.35
N ARG A 172 -21.89 -24.93 20.13
CA ARG A 172 -21.88 -23.86 21.18
C ARG A 172 -20.53 -23.86 21.90
N GLY A 173 -19.48 -24.37 21.26
CA GLY A 173 -18.12 -24.39 21.81
C GLY A 173 -17.52 -23.00 21.82
N GLU A 174 -16.54 -22.79 22.71
CA GLU A 174 -15.80 -21.52 22.89
C GLU A 174 -14.95 -21.21 21.67
N LEU A 175 -15.21 -20.06 21.03
CA LEU A 175 -14.35 -19.49 19.96
C LEU A 175 -13.22 -18.71 20.62
N ARG A 176 -11.99 -18.91 20.12
CA ARG A 176 -10.75 -18.26 20.62
C ARG A 176 -9.96 -17.69 19.43
N ASP A 177 -9.11 -16.69 19.69
CA ASP A 177 -8.20 -16.12 18.67
C ASP A 177 -7.13 -17.17 18.31
N THR A 178 -6.39 -16.95 17.22
CA THR A 178 -5.35 -17.86 16.71
C THR A 178 -3.98 -17.20 16.88
N ILE A 179 -3.91 -16.10 17.62
CA ILE A 179 -2.66 -15.29 17.79
C ILE A 179 -1.82 -15.82 18.96
N LEU A 180 -0.80 -16.64 18.63
CA LEU A 180 0.30 -17.13 19.50
C LEU A 180 0.93 -15.98 20.30
N ASP A 181 1.03 -16.14 21.62
CA ASP A 181 1.89 -15.30 22.51
C ASP A 181 3.27 -15.96 22.55
N TRP A 182 4.25 -15.25 23.11
CA TRP A 182 5.69 -15.66 23.18
C TRP A 182 5.81 -17.15 23.58
N GLU A 183 4.99 -17.64 24.50
CA GLU A 183 5.17 -18.99 25.11
C GLU A 183 4.58 -20.10 24.22
N ASP A 184 3.49 -19.81 23.50
CA ASP A 184 2.73 -20.83 22.72
C ASP A 184 3.59 -21.42 21.61
N SER A 185 3.53 -22.74 21.43
CA SER A 185 4.18 -23.48 20.32
C SER A 185 3.29 -23.39 19.08
N LEU A 186 3.87 -23.55 17.90
CA LEU A 186 3.20 -23.26 16.60
C LEU A 186 2.17 -24.34 16.27
N PRO A 187 1.08 -23.99 15.57
CA PRO A 187 0.08 -24.97 15.16
C PRO A 187 0.76 -26.20 14.52
N ASP A 188 0.43 -27.38 15.03
CA ASP A 188 1.07 -28.67 14.66
C ASP A 188 0.79 -28.95 13.17
N ARG A 189 -0.47 -28.75 12.75
CA ARG A 189 -0.92 -29.01 11.36
C ARG A 189 -0.16 -28.08 10.41
N ASP A 190 -0.24 -26.77 10.66
CA ASP A 190 0.36 -25.73 9.79
C ASP A 190 1.87 -25.99 9.71
N LEU A 191 2.49 -26.35 10.83
CA LEU A 191 3.96 -26.53 10.97
C LEU A 191 4.37 -27.81 10.24
N ALA A 192 3.67 -28.92 10.51
CA ALA A 192 3.82 -30.20 9.79
C ALA A 192 3.77 -29.88 8.29
N LEU A 193 2.72 -29.21 7.83
CA LEU A 193 2.55 -28.99 6.37
C LEU A 193 3.69 -28.07 5.88
N ALA A 194 3.99 -26.98 6.62
CA ALA A 194 5.11 -26.04 6.33
C ALA A 194 6.44 -26.79 6.27
N ASP A 195 6.65 -27.76 7.17
CA ASP A 195 7.93 -28.52 7.33
C ASP A 195 8.10 -29.44 6.11
N GLU A 196 7.06 -30.22 5.79
CA GLU A 196 7.06 -31.19 4.67
C GLU A 196 7.22 -30.42 3.34
N ALA A 197 6.45 -29.34 3.19
CA ALA A 197 6.58 -28.38 2.05
C ALA A 197 8.04 -27.97 1.88
N SER A 198 8.71 -27.56 2.96
CA SER A 198 10.08 -26.97 2.93
C SER A 198 11.14 -28.05 2.63
N ARG A 199 10.96 -29.26 3.17
CA ARG A 199 11.89 -30.41 3.02
C ARG A 199 11.91 -30.89 1.55
N ASN A 200 10.71 -30.99 0.94
CA ASN A 200 10.42 -31.55 -0.41
C ASN A 200 10.72 -30.54 -1.53
N ALA A 201 10.65 -29.24 -1.22
CA ALA A 201 10.91 -28.15 -2.19
C ALA A 201 12.32 -28.25 -2.78
N ASP A 202 12.47 -27.85 -4.05
CA ASP A 202 13.77 -27.70 -4.73
C ASP A 202 14.10 -26.21 -4.86
N LEU A 203 13.14 -25.34 -4.51
CA LEU A 203 13.37 -23.88 -4.32
C LEU A 203 12.51 -23.37 -3.15
N SER A 204 13.15 -22.66 -2.23
CA SER A 204 12.53 -21.88 -1.13
C SER A 204 13.00 -20.43 -1.36
N ILE A 205 12.05 -19.53 -1.60
CA ILE A 205 12.25 -18.06 -1.76
C ILE A 205 11.67 -17.43 -0.52
N THR A 206 12.49 -16.68 0.21
CA THR A 206 12.02 -15.92 1.38
C THR A 206 11.81 -14.48 0.90
N LEU A 207 10.72 -13.84 1.34
CA LEU A 207 10.30 -12.45 1.00
C LEU A 207 10.00 -11.66 2.27
N GLY A 208 10.69 -10.54 2.46
CA GLY A 208 10.45 -9.59 3.57
C GLY A 208 10.41 -10.24 4.95
N THR A 209 11.24 -11.25 5.24
CA THR A 209 11.45 -11.86 6.60
C THR A 209 12.94 -11.79 7.00
N SER A 210 13.24 -11.69 8.30
CA SER A 210 14.64 -11.66 8.81
C SER A 210 15.05 -13.05 9.30
N LEU A 211 14.13 -14.02 9.35
CA LEU A 211 14.41 -15.48 9.55
C LEU A 211 15.03 -15.73 10.93
N GLN A 212 14.67 -14.91 11.90
CA GLN A 212 15.30 -14.86 13.23
C GLN A 212 14.51 -15.72 14.23
N ILE A 213 13.25 -16.07 13.90
CA ILE A 213 12.31 -16.74 14.84
C ILE A 213 12.34 -18.23 14.48
N ARG A 214 12.53 -19.10 15.48
CA ARG A 214 12.44 -20.57 15.32
C ARG A 214 10.98 -20.99 15.55
N PRO A 215 10.49 -22.05 14.87
CA PRO A 215 11.18 -22.71 13.76
C PRO A 215 10.95 -22.11 12.37
N SER A 216 10.04 -21.14 12.25
CA SER A 216 9.66 -20.40 11.01
C SER A 216 10.89 -20.09 10.14
N GLY A 217 11.86 -19.36 10.72
CA GLY A 217 13.05 -18.87 10.01
C GLY A 217 14.06 -19.94 9.66
N ASN A 218 13.98 -21.13 10.27
CA ASN A 218 14.81 -22.31 9.89
C ASN A 218 14.21 -23.13 8.72
N LEU A 219 12.90 -23.09 8.49
CA LEU A 219 12.21 -23.97 7.51
C LEU A 219 12.83 -23.82 6.13
N PRO A 220 13.09 -22.57 5.66
CA PRO A 220 13.71 -22.40 4.35
C PRO A 220 15.03 -23.19 4.20
N LEU A 221 15.82 -23.30 5.28
CA LEU A 221 17.11 -24.06 5.36
C LEU A 221 16.89 -25.54 5.05
N ALA A 222 15.73 -26.10 5.40
CA ALA A 222 15.36 -27.52 5.17
C ALA A 222 15.37 -27.84 3.66
N THR A 223 15.09 -26.84 2.82
CA THR A 223 15.10 -27.01 1.34
C THR A 223 16.55 -27.27 0.89
N LYS A 224 17.54 -26.78 1.63
CA LYS A 224 18.99 -26.91 1.30
C LYS A 224 19.49 -28.32 1.58
N ARG A 225 18.73 -29.15 2.29
CA ARG A 225 18.96 -30.62 2.36
C ARG A 225 18.54 -31.26 1.02
N ARG A 226 19.42 -32.07 0.42
CA ARG A 226 19.23 -32.85 -0.83
C ARG A 226 19.25 -31.91 -2.05
N GLY A 227 20.04 -30.82 -2.00
CA GLY A 227 20.43 -30.04 -3.18
C GLY A 227 19.47 -28.92 -3.54
N GLY A 228 18.53 -28.57 -2.65
CA GLY A 228 17.57 -27.48 -2.85
C GLY A 228 18.26 -26.14 -2.87
N ARG A 229 17.73 -25.18 -3.64
CA ARG A 229 18.24 -23.79 -3.67
C ARG A 229 17.42 -22.93 -2.72
N LEU A 230 18.06 -21.90 -2.14
CA LEU A 230 17.44 -20.91 -1.23
C LEU A 230 17.66 -19.52 -1.83
N VAL A 231 16.59 -18.75 -2.02
CA VAL A 231 16.67 -17.31 -2.39
C VAL A 231 16.11 -16.46 -1.26
N ILE A 232 16.89 -15.51 -0.77
CA ILE A 232 16.42 -14.58 0.29
C ILE A 232 16.20 -13.22 -0.38
N VAL A 233 14.96 -12.70 -0.35
CA VAL A 233 14.60 -11.30 -0.74
C VAL A 233 14.36 -10.47 0.52
N ASN A 234 15.25 -9.52 0.80
CA ASN A 234 15.14 -8.73 2.05
C ASN A 234 16.01 -7.49 1.97
N LEU A 235 15.50 -6.39 2.51
CA LEU A 235 16.24 -5.10 2.53
C LEU A 235 17.41 -5.16 3.53
N GLN A 236 17.23 -5.84 4.65
CA GLN A 236 18.19 -5.96 5.78
C GLN A 236 18.80 -7.37 5.69
N PRO A 237 19.96 -7.61 6.33
CA PRO A 237 20.47 -8.97 6.52
C PRO A 237 19.49 -9.88 7.27
N THR A 238 19.68 -11.20 7.20
CA THR A 238 18.82 -12.24 7.83
C THR A 238 19.70 -13.31 8.48
N LYS A 239 19.16 -14.09 9.41
CA LYS A 239 19.95 -15.10 10.15
C LYS A 239 20.75 -15.95 9.17
N HIS A 240 20.15 -16.42 8.07
CA HIS A 240 20.70 -17.48 7.21
C HIS A 240 21.21 -16.93 5.87
N ASP A 241 21.62 -15.66 5.81
CA ASP A 241 22.13 -14.98 4.60
C ASP A 241 23.24 -15.81 3.93
N ARG A 242 24.13 -16.39 4.75
CA ARG A 242 25.28 -17.25 4.36
C ARG A 242 24.79 -18.46 3.56
N HIS A 243 23.59 -18.98 3.85
CA HIS A 243 23.11 -20.29 3.32
C HIS A 243 22.31 -20.10 2.03
N ALA A 244 22.11 -18.85 1.60
CA ALA A 244 21.35 -18.49 0.38
C ALA A 244 22.22 -18.74 -0.86
N ASP A 245 21.62 -19.24 -1.94
CA ASP A 245 22.28 -19.31 -3.26
C ASP A 245 22.13 -17.94 -3.93
N LEU A 246 21.14 -17.15 -3.51
CA LEU A 246 20.82 -15.82 -4.13
C LEU A 246 20.24 -14.93 -3.03
N ARG A 247 20.84 -13.75 -2.80
CA ARG A 247 20.24 -12.74 -1.91
C ARG A 247 19.93 -11.51 -2.76
N ILE A 248 18.70 -11.04 -2.71
CA ILE A 248 18.27 -9.84 -3.48
C ILE A 248 17.89 -8.76 -2.49
N HIS A 249 18.63 -7.66 -2.50
CA HIS A 249 18.42 -6.55 -1.54
C HIS A 249 17.70 -5.42 -2.27
N GLY A 250 16.39 -5.34 -2.06
CA GLY A 250 15.46 -4.46 -2.81
C GLY A 250 14.06 -4.60 -2.27
N TYR A 251 13.14 -3.70 -2.67
CA TYR A 251 11.71 -3.73 -2.27
C TYR A 251 11.06 -4.95 -2.93
N VAL A 252 10.36 -5.70 -2.10
CA VAL A 252 9.83 -7.00 -2.56
C VAL A 252 8.81 -6.74 -3.67
N ASP A 253 8.07 -5.64 -3.62
CA ASP A 253 7.11 -5.33 -4.71
C ASP A 253 7.83 -5.12 -6.04
N GLU A 254 9.00 -4.50 -6.03
CA GLU A 254 9.79 -4.24 -7.26
C GLU A 254 10.27 -5.58 -7.82
N VAL A 255 10.91 -6.38 -6.99
CA VAL A 255 11.47 -7.70 -7.36
C VAL A 255 10.34 -8.52 -8.02
N MET A 256 9.20 -8.67 -7.35
CA MET A 256 8.10 -9.57 -7.81
C MET A 256 7.49 -9.03 -9.10
N THR A 257 7.36 -7.71 -9.25
CA THR A 257 6.78 -7.11 -10.48
C THR A 257 7.73 -7.32 -11.66
N ARG A 258 9.05 -7.31 -11.43
CA ARG A 258 10.03 -7.64 -12.49
C ARG A 258 9.96 -9.14 -12.72
N LEU A 259 9.92 -9.94 -11.66
CA LEU A 259 9.90 -11.41 -11.80
C LEU A 259 8.70 -11.83 -12.64
N MET A 260 7.49 -11.43 -12.23
CA MET A 260 6.22 -11.68 -12.94
C MET A 260 6.35 -11.40 -14.44
N LYS A 261 6.86 -10.21 -14.77
CA LYS A 261 7.04 -9.69 -16.14
C LYS A 261 7.99 -10.63 -16.91
N HIS A 262 9.06 -11.12 -16.27
CA HIS A 262 10.00 -12.11 -16.86
C HIS A 262 9.23 -13.40 -17.15
N LEU A 263 8.33 -13.79 -16.26
CA LEU A 263 7.57 -15.07 -16.36
C LEU A 263 6.37 -14.88 -17.28
N GLY A 264 6.10 -13.66 -17.73
CA GLY A 264 5.00 -13.39 -18.65
C GLY A 264 3.66 -13.51 -17.92
N LEU A 265 3.64 -13.18 -16.63
CA LEU A 265 2.43 -13.29 -15.78
C LEU A 265 1.99 -11.90 -15.34
N GLU A 266 0.73 -11.58 -15.57
CA GLU A 266 0.10 -10.35 -15.03
C GLU A 266 -0.11 -10.58 -13.54
N ILE A 267 -0.15 -9.50 -12.78
CA ILE A 267 -0.58 -9.49 -11.35
C ILE A 267 -2.08 -9.20 -11.33
N PRO A 268 -2.90 -10.17 -10.86
CA PRO A 268 -4.34 -10.02 -10.82
C PRO A 268 -4.90 -8.96 -9.87
N ALA A 269 -5.90 -8.25 -10.38
CA ALA A 269 -6.88 -7.42 -9.64
C ALA A 269 -7.29 -8.09 -8.33
N TRP A 270 -7.25 -7.31 -7.24
CA TRP A 270 -7.85 -7.60 -5.91
C TRP A 270 -9.27 -7.07 -5.86
N ASP A 271 -10.24 -7.98 -5.72
CA ASP A 271 -11.67 -7.67 -5.85
C ASP A 271 -12.20 -7.17 -4.50
N GLY A 272 -11.31 -7.01 -3.50
CA GLY A 272 -11.69 -6.83 -2.09
C GLY A 272 -11.59 -8.17 -1.40
N PRO A 273 -11.85 -8.21 -0.06
CA PRO A 273 -11.65 -9.38 0.80
C PRO A 273 -12.46 -10.63 0.40
N ARG A 274 -11.75 -11.70 0.02
CA ARG A 274 -12.37 -13.00 -0.32
C ARG A 274 -11.56 -14.11 0.35
N VAL A 275 -12.22 -15.17 0.77
CA VAL A 275 -11.54 -16.39 1.28
C VAL A 275 -11.77 -17.50 0.25
N LEU A 276 -10.69 -18.17 -0.16
CA LEU A 276 -10.70 -19.41 -0.97
C LEU A 276 -10.13 -20.53 -0.09
N GLU A 277 -10.88 -21.60 0.19
CA GLU A 277 -10.41 -22.72 1.05
C GLU A 277 -9.45 -23.64 0.28
N ARG A 278 -9.75 -23.90 -0.99
CA ARG A 278 -9.13 -25.01 -1.75
C ARG A 278 -8.62 -24.51 -3.09
N ALA A 279 -7.31 -24.68 -3.27
CA ALA A 279 -6.55 -24.59 -4.52
C ALA A 279 -7.28 -25.33 -5.65
N LEU A 280 -7.31 -24.69 -6.81
CA LEU A 280 -7.88 -25.23 -8.07
C LEU A 280 -6.76 -25.90 -8.84
N PRO A 281 -7.08 -26.73 -9.85
CA PRO A 281 -6.10 -27.16 -10.83
C PRO A 281 -5.37 -25.94 -11.40
N PRO A 282 -4.05 -26.03 -11.70
CA PRO A 282 -3.34 -24.93 -12.36
C PRO A 282 -4.04 -24.32 -13.60
N LEU A 283 -4.06 -22.98 -13.70
CA LEU A 283 -4.49 -22.30 -14.95
C LEU A 283 -3.37 -22.41 -15.98
N PRO A 284 -3.63 -22.14 -17.28
CA PRO A 284 -2.56 -22.17 -18.26
C PRO A 284 -1.40 -21.24 -17.83
N ARG A 285 -0.17 -21.46 -18.31
CA ARG A 285 0.96 -20.49 -18.21
C ARG A 285 1.89 -20.58 -19.41
N PRO A 286 2.62 -19.46 -19.72
CA PRO A 286 3.48 -19.43 -20.89
C PRO A 286 4.41 -20.64 -20.90
N PRO A 287 4.86 -21.08 -22.09
CA PRO A 287 5.87 -22.12 -22.19
C PRO A 287 7.21 -21.58 -21.68
N THR A 288 8.02 -22.48 -21.11
CA THR A 288 9.31 -22.16 -20.45
C THR A 288 10.39 -21.85 -21.47
N PRO A 289 11.33 -20.94 -21.12
CA PRO A 289 12.47 -20.62 -21.95
C PRO A 289 13.42 -21.80 -21.95
N LYS A 290 14.23 -21.89 -23.02
CA LYS A 290 15.49 -22.65 -23.07
C LYS A 290 16.49 -21.92 -22.17
N LEU A 291 17.06 -22.62 -21.19
CA LEU A 291 17.84 -22.01 -20.07
C LEU A 291 19.35 -22.15 -20.30
N GLU A 292 19.84 -23.37 -20.56
CA GLU A 292 21.29 -23.72 -20.60
C GLU A 292 21.92 -23.17 -21.90
N LYS B 9 8.80 25.11 7.96
CA LYS B 9 8.24 23.73 7.73
C LYS B 9 6.96 23.53 8.57
N GLY B 10 6.53 24.58 9.29
CA GLY B 10 5.24 24.66 10.01
C GLY B 10 5.19 23.71 11.20
N LYS B 11 3.98 23.37 11.66
CA LYS B 11 3.73 22.45 12.80
C LYS B 11 3.88 20.99 12.32
N CYS B 12 4.52 20.13 13.12
CA CYS B 12 4.95 18.76 12.72
C CYS B 12 4.75 17.79 13.88
N GLY B 13 4.23 16.59 13.58
CA GLY B 13 4.09 15.49 14.57
C GLY B 13 2.98 15.74 15.59
N LEU B 14 2.02 16.63 15.32
CA LEU B 14 0.83 16.82 16.19
C LEU B 14 0.15 15.46 16.39
N PRO B 15 -0.56 15.26 17.52
CA PRO B 15 -1.23 14.00 17.76
C PRO B 15 -2.28 13.66 16.70
N GLU B 16 -2.52 12.35 16.55
CA GLU B 16 -3.57 11.78 15.69
C GLU B 16 -4.92 11.76 16.42
N ILE B 17 -5.97 12.19 15.74
CA ILE B 17 -7.38 12.01 16.21
C ILE B 17 -7.95 10.81 15.47
N PHE B 18 -8.57 9.88 16.21
CA PHE B 18 -9.37 8.75 15.67
C PHE B 18 -10.82 8.94 16.09
N ASP B 19 -11.68 9.26 15.13
CA ASP B 19 -13.15 9.24 15.36
C ASP B 19 -13.51 7.82 15.78
N PRO B 20 -14.32 7.67 16.86
CA PRO B 20 -14.83 6.35 17.23
C PRO B 20 -15.72 5.83 16.11
N PRO B 21 -15.76 4.49 15.88
CA PRO B 21 -16.45 3.89 14.75
C PRO B 21 -17.88 4.40 14.49
N GLU B 22 -18.69 4.55 15.54
CA GLU B 22 -20.10 5.01 15.45
C GLU B 22 -20.15 6.44 14.88
N GLU B 23 -19.23 7.31 15.32
CA GLU B 23 -19.12 8.70 14.81
C GLU B 23 -18.57 8.69 13.38
N LEU B 24 -17.67 7.76 13.05
CA LEU B 24 -16.96 7.76 11.74
C LEU B 24 -17.97 7.34 10.67
N GLU B 25 -18.59 6.17 10.85
CA GLU B 25 -19.73 5.67 10.03
C GLU B 25 -20.77 6.78 9.82
N ARG B 26 -21.15 7.52 10.86
CA ARG B 26 -22.17 8.60 10.78
C ARG B 26 -21.67 9.71 9.84
N LYS B 27 -20.44 10.17 10.07
CA LYS B 27 -19.79 11.30 9.34
C LYS B 27 -19.63 11.01 7.84
N VAL B 28 -19.41 9.75 7.46
CA VAL B 28 -19.07 9.34 6.07
C VAL B 28 -20.38 9.26 5.26
N TRP B 29 -21.49 8.89 5.90
CA TRP B 29 -22.87 8.99 5.34
C TRP B 29 -23.19 10.46 5.06
N GLU B 30 -22.80 11.34 5.98
CA GLU B 30 -22.97 12.82 5.86
C GLU B 30 -22.06 13.37 4.74
N LEU B 31 -20.85 12.84 4.53
CA LEU B 31 -20.03 13.17 3.33
C LEU B 31 -20.80 12.76 2.07
N ALA B 32 -21.20 11.48 1.98
CA ALA B 32 -22.06 10.93 0.89
C ALA B 32 -23.18 11.90 0.52
N ARG B 33 -24.01 12.30 1.51
CA ARG B 33 -25.12 13.29 1.40
C ARG B 33 -24.65 14.50 0.61
N LEU B 34 -23.55 15.10 1.05
CA LEU B 34 -23.01 16.40 0.52
C LEU B 34 -22.54 16.21 -0.93
N VAL B 35 -21.93 15.06 -1.25
CA VAL B 35 -21.49 14.68 -2.63
C VAL B 35 -22.72 14.63 -3.54
N TRP B 36 -23.82 14.01 -3.07
CA TRP B 36 -25.12 13.92 -3.82
C TRP B 36 -25.75 15.31 -4.00
N GLN B 37 -25.63 16.20 -3.01
CA GLN B 37 -26.24 17.55 -3.06
C GLN B 37 -25.39 18.51 -3.91
N SER B 38 -24.08 18.26 -4.00
CA SER B 38 -23.08 19.17 -4.62
C SER B 38 -23.09 19.05 -6.15
N SER B 39 -23.30 20.18 -6.85
CA SER B 39 -23.18 20.31 -8.32
C SER B 39 -21.72 20.17 -8.78
N SER B 40 -20.77 20.68 -7.97
CA SER B 40 -19.36 20.87 -8.38
C SER B 40 -18.43 20.57 -7.18
N VAL B 41 -17.97 19.32 -7.10
CA VAL B 41 -17.13 18.77 -5.99
C VAL B 41 -15.66 18.84 -6.41
N VAL B 42 -14.84 19.51 -5.59
CA VAL B 42 -13.37 19.62 -5.81
C VAL B 42 -12.69 18.88 -4.66
N PHE B 43 -11.76 17.99 -5.01
CA PHE B 43 -10.90 17.26 -4.04
C PHE B 43 -9.54 17.94 -4.04
N HIS B 44 -9.04 18.19 -2.83
CA HIS B 44 -7.68 18.68 -2.53
C HIS B 44 -6.89 17.55 -1.86
N THR B 45 -5.78 17.13 -2.46
CA THR B 45 -4.97 15.98 -1.95
C THR B 45 -3.54 16.43 -1.63
N GLY B 46 -2.96 15.68 -0.70
CA GLY B 46 -1.70 15.92 0.02
C GLY B 46 -1.22 14.54 0.45
N ALA B 47 -0.08 14.49 1.13
CA ALA B 47 0.83 13.32 1.16
C ALA B 47 0.26 12.22 2.04
N GLY B 48 -0.76 12.55 2.84
CA GLY B 48 -1.56 11.61 3.64
C GLY B 48 -2.19 10.50 2.80
N ILE B 49 -2.59 10.79 1.55
CA ILE B 49 -3.28 9.79 0.66
C ILE B 49 -2.28 8.80 0.05
N SER B 50 -0.98 8.98 0.20
CA SER B 50 0.03 8.07 -0.41
C SER B 50 0.81 7.34 0.70
N THR B 51 0.42 7.48 1.97
CA THR B 51 1.14 6.83 3.10
C THR B 51 0.89 5.33 3.04
N ALA B 52 -0.35 4.92 2.73
CA ALA B 52 -0.78 3.49 2.62
C ALA B 52 -0.19 2.77 1.40
N SER B 53 0.65 3.43 0.59
CA SER B 53 1.41 2.83 -0.54
C SER B 53 2.93 2.89 -0.28
N GLY B 54 3.35 3.23 0.97
CA GLY B 54 4.73 3.15 1.48
C GLY B 54 5.46 4.47 1.40
N ILE B 55 4.76 5.56 1.00
CA ILE B 55 5.37 6.92 0.91
C ILE B 55 5.06 7.66 2.21
N PRO B 56 6.09 8.07 2.97
CA PRO B 56 5.90 8.83 4.18
C PRO B 56 5.34 10.21 3.78
N ASP B 57 4.64 10.82 4.72
CA ASP B 57 4.17 12.24 4.63
C ASP B 57 5.25 13.16 5.21
N PHE B 58 4.97 14.46 5.24
CA PHE B 58 5.90 15.53 5.67
C PHE B 58 5.81 15.72 7.19
N ARG B 59 4.62 15.91 7.76
CA ARG B 59 4.39 16.39 9.16
C ARG B 59 3.58 15.39 9.99
N GLY B 60 3.40 14.14 9.52
CA GLY B 60 2.77 13.04 10.30
C GLY B 60 3.75 12.47 11.32
N PRO B 61 3.31 11.67 12.32
CA PRO B 61 4.22 11.19 13.38
C PRO B 61 5.60 10.75 12.84
N HIS B 62 5.62 10.06 11.71
CA HIS B 62 6.86 9.55 11.04
C HIS B 62 7.11 10.29 9.73
N GLY B 63 6.65 11.54 9.64
CA GLY B 63 6.81 12.43 8.47
C GLY B 63 8.24 12.87 8.23
N VAL B 64 8.56 13.16 6.96
CA VAL B 64 9.88 13.64 6.48
C VAL B 64 10.38 14.76 7.41
N TRP B 65 9.55 15.79 7.64
CA TRP B 65 9.87 16.97 8.50
C TRP B 65 9.90 16.54 9.97
N THR B 66 8.87 15.80 10.42
CA THR B 66 8.72 15.32 11.82
C THR B 66 9.97 14.56 12.25
N MET B 67 10.44 13.63 11.41
CA MET B 67 11.63 12.78 11.69
C MET B 67 12.89 13.65 11.69
N GLU B 68 13.09 14.46 10.64
CA GLU B 68 14.27 15.37 10.48
C GLU B 68 14.45 16.21 11.76
N GLU B 69 13.35 16.72 12.33
CA GLU B 69 13.31 17.49 13.62
C GLU B 69 13.86 16.65 14.76
N ARG B 70 13.54 15.35 14.81
CA ARG B 70 14.01 14.41 15.87
C ARG B 70 15.35 13.79 15.44
N GLY B 71 15.98 14.32 14.39
CA GLY B 71 17.25 13.77 13.85
C GLY B 71 17.10 12.32 13.43
N LEU B 72 15.94 11.93 12.90
CA LEU B 72 15.68 10.57 12.37
C LEU B 72 15.36 10.70 10.88
N ALA B 73 15.34 9.58 10.14
CA ALA B 73 15.07 9.57 8.69
C ALA B 73 13.62 9.15 8.46
N PRO B 74 12.92 9.74 7.46
CA PRO B 74 11.67 9.17 6.97
C PRO B 74 11.96 7.81 6.32
N LYS B 75 10.98 6.92 6.40
CA LYS B 75 11.13 5.56 5.84
C LYS B 75 10.27 5.47 4.57
N PHE B 76 10.87 5.09 3.45
CA PHE B 76 10.16 4.58 2.24
C PHE B 76 10.05 3.06 2.28
N ASP B 77 8.85 2.53 2.02
CA ASP B 77 8.57 1.08 1.93
C ASP B 77 8.34 0.71 0.46
N THR B 78 8.45 1.68 -0.46
CA THR B 78 8.50 1.49 -1.95
C THR B 78 9.38 2.59 -2.54
N THR B 79 9.81 2.42 -3.80
CA THR B 79 10.32 3.52 -4.66
C THR B 79 9.11 4.27 -5.24
N PHE B 80 9.32 5.45 -5.79
CA PHE B 80 8.22 6.23 -6.44
C PHE B 80 7.69 5.42 -7.62
N GLU B 81 8.61 4.76 -8.32
CA GLU B 81 8.39 3.94 -9.51
C GLU B 81 7.49 2.75 -9.18
N SER B 82 7.78 2.03 -8.09
CA SER B 82 7.04 0.80 -7.70
C SER B 82 5.81 1.10 -6.83
N ALA B 83 5.60 2.35 -6.39
CA ALA B 83 4.44 2.72 -5.56
C ALA B 83 3.16 2.44 -6.35
N ARG B 84 2.15 1.92 -5.69
CA ARG B 84 0.87 1.65 -6.34
C ARG B 84 -0.07 2.71 -5.83
N PRO B 85 -0.90 3.27 -6.74
CA PRO B 85 -2.00 4.12 -6.33
C PRO B 85 -2.83 3.36 -5.30
N THR B 86 -3.21 4.03 -4.21
CA THR B 86 -4.11 3.56 -3.14
C THR B 86 -5.54 3.45 -3.66
N GLN B 87 -6.34 2.72 -2.89
CA GLN B 87 -7.83 2.68 -2.93
C GLN B 87 -8.38 4.11 -3.08
N THR B 88 -7.90 5.07 -2.29
CA THR B 88 -8.28 6.51 -2.35
C THR B 88 -7.99 7.09 -3.72
N HIS B 89 -6.77 6.94 -4.23
CA HIS B 89 -6.38 7.30 -5.62
C HIS B 89 -7.40 6.74 -6.62
N MET B 90 -7.68 5.45 -6.53
CA MET B 90 -8.53 4.76 -7.52
C MET B 90 -9.98 5.18 -7.31
N ALA B 91 -10.39 5.48 -6.06
CA ALA B 91 -11.73 6.03 -5.75
C ALA B 91 -11.88 7.38 -6.45
N LEU B 92 -10.84 8.22 -6.41
CA LEU B 92 -10.80 9.55 -7.10
C LEU B 92 -10.86 9.42 -8.64
N VAL B 93 -10.34 8.33 -9.24
CA VAL B 93 -10.46 8.00 -10.70
C VAL B 93 -11.94 7.81 -11.03
N GLN B 94 -12.58 6.81 -10.42
CA GLN B 94 -14.03 6.52 -10.55
C GLN B 94 -14.93 7.73 -10.26
N LEU B 95 -14.62 8.57 -9.26
CA LEU B 95 -15.48 9.72 -8.90
C LEU B 95 -15.47 10.71 -10.07
N GLU B 96 -14.31 10.84 -10.72
CA GLU B 96 -14.14 11.70 -11.94
C GLU B 96 -14.90 11.04 -13.12
N ARG B 97 -14.74 9.73 -13.37
CA ARG B 97 -15.34 9.03 -14.53
C ARG B 97 -16.88 9.09 -14.47
N VAL B 98 -17.52 9.14 -13.29
CA VAL B 98 -19.03 9.11 -13.20
C VAL B 98 -19.56 10.53 -13.03
N GLY B 99 -18.69 11.54 -13.12
CA GLY B 99 -19.08 12.96 -13.10
C GLY B 99 -19.31 13.49 -11.71
N LEU B 100 -18.82 12.83 -10.65
CA LEU B 100 -18.99 13.27 -9.24
C LEU B 100 -17.80 14.07 -8.72
N LEU B 101 -16.76 14.26 -9.55
CA LEU B 101 -15.53 15.03 -9.22
C LEU B 101 -15.23 16.00 -10.36
N ARG B 102 -15.35 17.30 -10.10
CA ARG B 102 -15.15 18.38 -11.11
C ARG B 102 -13.66 18.64 -11.30
N PHE B 103 -12.91 18.77 -10.20
CA PHE B 103 -11.47 19.06 -10.30
C PHE B 103 -10.70 18.42 -9.14
N LEU B 104 -9.46 18.04 -9.45
CA LEU B 104 -8.51 17.44 -8.49
C LEU B 104 -7.34 18.43 -8.35
N VAL B 105 -7.16 18.95 -7.13
CA VAL B 105 -6.01 19.82 -6.78
C VAL B 105 -5.09 19.05 -5.83
N SER B 106 -3.84 18.79 -6.23
CA SER B 106 -2.89 17.94 -5.44
C SER B 106 -1.59 18.69 -5.21
N GLN B 107 -1.08 18.58 -3.98
CA GLN B 107 0.22 19.11 -3.53
C GLN B 107 1.30 18.04 -3.75
N ASN B 108 0.92 16.85 -4.21
CA ASN B 108 1.81 15.65 -4.24
C ASN B 108 2.69 15.64 -5.50
N VAL B 109 3.92 15.24 -5.30
CA VAL B 109 4.96 15.21 -6.37
C VAL B 109 5.22 13.75 -6.71
N ASP B 110 4.60 12.84 -5.94
CA ASP B 110 4.79 11.37 -6.04
C ASP B 110 4.37 10.80 -7.41
N GLY B 111 3.66 11.56 -8.24
CA GLY B 111 3.18 11.15 -9.58
C GLY B 111 2.02 10.16 -9.64
N LEU B 112 1.27 9.86 -8.56
CA LEU B 112 0.41 8.64 -8.51
C LEU B 112 -0.95 8.97 -9.11
N HIS B 113 -1.47 10.16 -8.82
CA HIS B 113 -2.63 10.72 -9.54
C HIS B 113 -2.48 10.45 -11.05
N VAL B 114 -1.43 10.94 -11.71
CA VAL B 114 -1.22 10.80 -13.19
C VAL B 114 -1.20 9.31 -13.53
N ARG B 115 -0.43 8.53 -12.78
CA ARG B 115 -0.15 7.09 -13.03
C ARG B 115 -1.40 6.22 -12.83
N SER B 116 -2.27 6.63 -11.89
CA SER B 116 -3.60 6.03 -11.60
C SER B 116 -4.53 6.09 -12.81
N GLY B 117 -4.30 7.02 -13.75
CA GLY B 117 -5.01 7.17 -15.04
C GLY B 117 -5.96 8.36 -15.00
N PHE B 118 -5.74 9.25 -14.03
CA PHE B 118 -6.68 10.36 -13.79
C PHE B 118 -6.43 11.38 -14.90
N PRO B 119 -7.47 11.98 -15.51
CA PRO B 119 -7.26 12.96 -16.57
C PRO B 119 -6.50 14.22 -16.15
N ARG B 120 -5.43 14.50 -16.88
CA ARG B 120 -4.50 15.63 -16.56
C ARG B 120 -5.27 16.97 -16.72
N ASP B 121 -6.28 17.02 -17.58
CA ASP B 121 -7.02 18.30 -17.77
C ASP B 121 -8.01 18.53 -16.63
N LYS B 122 -8.08 17.63 -15.63
CA LYS B 122 -8.82 17.90 -14.37
C LYS B 122 -7.90 17.88 -13.16
N LEU B 123 -6.58 17.72 -13.35
CA LEU B 123 -5.59 17.66 -12.24
C LEU B 123 -4.70 18.91 -12.23
N ALA B 124 -4.64 19.63 -11.11
CA ALA B 124 -3.61 20.65 -10.80
C ALA B 124 -2.58 20.03 -9.86
N GLU B 125 -1.36 19.74 -10.34
CA GLU B 125 -0.23 19.30 -9.47
C GLU B 125 0.59 20.53 -9.09
N LEU B 126 0.25 21.14 -7.96
CA LEU B 126 0.62 22.52 -7.55
C LEU B 126 2.13 22.62 -7.27
N HIS B 127 2.75 21.53 -6.84
CA HIS B 127 4.19 21.47 -6.46
C HIS B 127 4.98 20.68 -7.52
N GLY B 128 4.30 20.15 -8.55
CA GLY B 128 4.96 19.44 -9.66
C GLY B 128 4.86 17.94 -9.47
N ASN B 129 5.60 17.19 -10.29
CA ASN B 129 5.50 15.70 -10.47
C ASN B 129 6.90 15.18 -10.80
N MET B 130 7.42 14.24 -9.98
CA MET B 130 8.80 13.66 -10.06
C MET B 130 9.02 13.03 -11.44
N PHE B 131 7.94 12.57 -12.09
CA PHE B 131 7.99 11.83 -13.37
C PHE B 131 7.87 12.79 -14.55
N VAL B 132 7.69 14.09 -14.32
CA VAL B 132 7.31 15.00 -15.46
C VAL B 132 8.43 16.00 -15.72
N GLU B 133 8.88 16.11 -16.98
CA GLU B 133 9.82 17.17 -17.37
C GLU B 133 9.12 18.10 -18.36
N GLU B 134 9.58 19.34 -18.39
CA GLU B 134 9.00 20.43 -19.20
C GLU B 134 10.11 20.99 -20.08
N CYS B 135 9.79 21.35 -21.30
CA CYS B 135 10.74 22.07 -22.17
C CYS B 135 10.65 23.55 -21.81
N ALA B 136 11.78 24.18 -21.55
CA ALA B 136 11.82 25.63 -21.26
C ALA B 136 11.32 26.40 -22.48
N LYS B 137 11.79 26.02 -23.66
CA LYS B 137 11.48 26.77 -24.92
C LYS B 137 10.00 26.65 -25.24
N CYS B 138 9.48 25.43 -25.39
CA CYS B 138 8.10 25.22 -25.91
C CYS B 138 7.11 24.97 -24.78
N LYS B 139 7.59 24.66 -23.56
CA LYS B 139 6.75 24.39 -22.36
C LYS B 139 6.06 23.02 -22.53
N THR B 140 6.49 22.21 -23.51
CA THR B 140 5.94 20.84 -23.73
C THR B 140 6.27 19.98 -22.50
N GLN B 141 5.29 19.18 -22.04
CA GLN B 141 5.47 18.28 -20.87
C GLN B 141 5.63 16.83 -21.32
N TYR B 142 6.52 16.09 -20.66
CA TYR B 142 6.75 14.63 -20.86
C TYR B 142 6.53 13.89 -19.54
N VAL B 143 5.59 12.96 -19.51
CA VAL B 143 5.32 12.07 -18.35
C VAL B 143 6.20 10.83 -18.52
N ARG B 144 7.27 10.71 -17.73
CA ARG B 144 8.30 9.64 -17.86
C ARG B 144 7.94 8.45 -16.97
N ASP B 145 8.48 7.27 -17.30
CA ASP B 145 8.19 5.97 -16.62
C ASP B 145 9.09 5.80 -15.41
N THR B 146 10.13 6.63 -15.32
CA THR B 146 11.08 6.72 -14.18
C THR B 146 11.05 8.15 -13.63
N VAL B 147 11.43 8.38 -12.37
CA VAL B 147 11.43 9.75 -11.77
C VAL B 147 12.56 10.52 -12.43
N VAL B 148 12.29 11.79 -12.74
CA VAL B 148 13.28 12.74 -13.31
C VAL B 148 14.24 13.12 -12.19
N GLY B 149 15.55 12.91 -12.42
CA GLY B 149 16.58 12.77 -11.38
C GLY B 149 16.80 14.02 -10.56
N THR B 150 16.47 15.20 -11.11
CA THR B 150 16.73 16.50 -10.45
C THR B 150 15.49 16.90 -9.66
N MET B 151 15.65 17.96 -8.85
CA MET B 151 14.54 18.66 -8.14
C MET B 151 14.98 20.11 -7.97
N GLY B 152 14.12 21.07 -8.35
CA GLY B 152 14.39 22.50 -8.22
C GLY B 152 14.33 23.24 -9.56
N LEU B 153 13.55 22.72 -10.52
CA LEU B 153 13.38 23.25 -11.90
C LEU B 153 14.73 23.34 -12.61
N LYS B 154 15.65 22.38 -12.38
CA LYS B 154 16.99 22.32 -13.03
C LYS B 154 16.91 21.59 -14.37
N ALA B 155 17.97 21.69 -15.18
CA ALA B 155 18.17 20.91 -16.42
C ALA B 155 18.32 19.43 -16.04
N THR B 156 17.73 18.52 -16.83
CA THR B 156 17.73 17.05 -16.57
C THR B 156 18.86 16.38 -17.36
N GLY B 157 19.22 16.93 -18.53
CA GLY B 157 20.27 16.39 -19.42
C GLY B 157 19.69 15.95 -20.76
N ARG B 158 18.37 15.77 -20.82
CA ARG B 158 17.59 15.40 -22.02
C ARG B 158 17.15 16.70 -22.72
N LEU B 159 16.74 16.57 -23.99
CA LEU B 159 16.33 17.68 -24.88
C LEU B 159 15.01 17.35 -25.57
N CYS B 160 14.23 18.38 -25.88
CA CYS B 160 12.83 18.27 -26.39
C CYS B 160 12.83 17.57 -27.76
N THR B 161 11.74 16.90 -28.13
CA THR B 161 11.59 16.12 -29.41
C THR B 161 10.35 16.57 -30.19
N VAL B 162 9.78 17.74 -29.88
CA VAL B 162 8.63 18.30 -30.65
C VAL B 162 9.09 18.48 -32.11
N ALA B 163 8.48 17.73 -33.03
CA ALA B 163 8.87 17.62 -34.47
C ALA B 163 9.84 18.75 -34.86
N CYS B 171 12.98 20.99 -31.94
CA CYS B 171 12.96 21.96 -30.80
C CYS B 171 14.32 21.91 -30.09
N ARG B 172 14.80 20.70 -29.77
CA ARG B 172 16.08 20.45 -29.06
C ARG B 172 16.20 21.40 -27.86
N GLY B 173 15.06 21.83 -27.31
CA GLY B 173 15.02 22.72 -26.13
C GLY B 173 15.35 21.94 -24.85
N GLU B 174 15.83 22.66 -23.83
CA GLU B 174 16.24 22.10 -22.51
C GLU B 174 15.02 21.54 -21.79
N LEU B 175 15.00 20.23 -21.48
CA LEU B 175 13.98 19.61 -20.58
C LEU B 175 14.44 19.79 -19.14
N ARG B 176 13.55 20.25 -18.25
CA ARG B 176 13.84 20.50 -16.81
C ARG B 176 12.79 19.78 -15.94
N ASP B 177 13.13 19.50 -14.67
CA ASP B 177 12.19 18.89 -13.70
C ASP B 177 11.07 19.90 -13.42
N THR B 178 9.98 19.45 -12.81
CA THR B 178 8.79 20.28 -12.47
C THR B 178 8.69 20.48 -10.96
N ILE B 179 9.74 20.10 -10.22
CA ILE B 179 9.72 20.04 -8.73
C ILE B 179 10.18 21.38 -8.15
N LEU B 180 9.20 22.21 -7.74
CA LEU B 180 9.38 23.51 -7.03
C LEU B 180 10.28 23.32 -5.81
N ASP B 181 11.34 24.15 -5.67
CA ASP B 181 12.09 24.33 -4.40
C ASP B 181 11.40 25.45 -3.59
N TRP B 182 11.79 25.61 -2.32
CA TRP B 182 11.15 26.54 -1.33
C TRP B 182 10.83 27.91 -1.95
N GLU B 183 11.72 28.47 -2.78
CA GLU B 183 11.63 29.86 -3.28
C GLU B 183 10.64 29.96 -4.46
N ASP B 184 10.53 28.92 -5.29
CA ASP B 184 9.77 28.96 -6.57
C ASP B 184 8.28 29.17 -6.27
N SER B 185 7.62 30.01 -7.07
CA SER B 185 6.15 30.23 -7.05
C SER B 185 5.48 29.12 -7.87
N LEU B 186 4.20 28.89 -7.60
CA LEU B 186 3.43 27.72 -8.13
C LEU B 186 3.11 27.94 -9.60
N PRO B 187 3.07 26.87 -10.43
CA PRO B 187 2.67 27.00 -11.83
C PRO B 187 1.41 27.85 -11.97
N ASP B 188 1.49 28.90 -12.79
CA ASP B 188 0.41 29.90 -12.97
C ASP B 188 -0.84 29.20 -13.52
N ARG B 189 -0.65 28.35 -14.54
CA ARG B 189 -1.77 27.61 -15.20
C ARG B 189 -2.47 26.73 -14.15
N ASP B 190 -1.74 25.77 -13.56
CA ASP B 190 -2.30 24.81 -12.56
C ASP B 190 -2.94 25.59 -11.41
N LEU B 191 -2.32 26.70 -10.98
CA LEU B 191 -2.82 27.51 -9.84
C LEU B 191 -4.10 28.22 -10.27
N ALA B 192 -4.08 28.89 -11.43
CA ALA B 192 -5.27 29.53 -12.05
C ALA B 192 -6.42 28.53 -12.02
N LEU B 193 -6.21 27.36 -12.65
CA LEU B 193 -7.26 26.32 -12.81
C LEU B 193 -7.69 25.82 -11.43
N ALA B 194 -6.75 25.55 -10.51
CA ALA B 194 -7.03 25.15 -9.11
C ALA B 194 -7.80 26.25 -8.37
N ASP B 195 -7.45 27.52 -8.62
CA ASP B 195 -8.07 28.69 -7.93
C ASP B 195 -9.53 28.80 -8.37
N GLU B 196 -9.75 28.81 -9.68
CA GLU B 196 -11.08 28.92 -10.34
C GLU B 196 -11.97 27.73 -9.92
N ALA B 197 -11.40 26.52 -9.93
CA ALA B 197 -12.07 25.28 -9.48
C ALA B 197 -12.58 25.47 -8.05
N SER B 198 -11.73 25.98 -7.15
CA SER B 198 -11.99 26.07 -5.70
C SER B 198 -13.04 27.15 -5.41
N ARG B 199 -13.00 28.29 -6.12
CA ARG B 199 -13.99 29.41 -5.99
C ARG B 199 -15.38 28.94 -6.43
N ASN B 200 -15.47 28.24 -7.57
CA ASN B 200 -16.72 27.83 -8.26
C ASN B 200 -17.39 26.64 -7.58
N ALA B 201 -16.60 25.72 -7.00
CA ALA B 201 -17.08 24.52 -6.28
C ALA B 201 -18.13 24.91 -5.23
N ASP B 202 -19.08 24.00 -4.96
CA ASP B 202 -20.06 24.09 -3.85
C ASP B 202 -19.74 23.01 -2.80
N LEU B 203 -18.71 22.20 -3.04
CA LEU B 203 -18.10 21.30 -2.02
C LEU B 203 -16.62 21.08 -2.35
N SER B 204 -15.76 21.34 -1.38
CA SER B 204 -14.29 21.10 -1.43
C SER B 204 -13.99 20.12 -0.30
N ILE B 205 -13.59 18.91 -0.64
CA ILE B 205 -13.20 17.83 0.33
C ILE B 205 -11.67 17.79 0.35
N THR B 206 -11.04 18.05 1.49
CA THR B 206 -9.57 17.87 1.65
C THR B 206 -9.38 16.45 2.19
N LEU B 207 -8.33 15.75 1.74
CA LEU B 207 -7.96 14.33 2.01
C LEU B 207 -6.45 14.27 2.29
N GLY B 208 -6.08 13.95 3.54
CA GLY B 208 -4.71 13.65 4.00
C GLY B 208 -3.73 14.79 3.72
N THR B 209 -4.18 16.04 3.84
CA THR B 209 -3.31 17.25 3.89
C THR B 209 -3.53 18.02 5.22
N SER B 210 -2.51 18.75 5.71
CA SER B 210 -2.60 19.59 6.92
C SER B 210 -2.92 21.05 6.53
N LEU B 211 -2.90 21.40 5.23
CA LEU B 211 -3.36 22.71 4.67
C LEU B 211 -2.51 23.88 5.20
N GLN B 212 -1.24 23.62 5.52
CA GLN B 212 -0.31 24.57 6.16
C GLN B 212 0.43 25.41 5.11
N ILE B 213 0.62 24.89 3.89
CA ILE B 213 1.38 25.59 2.80
C ILE B 213 0.41 26.51 2.04
N ARG B 214 0.81 27.77 1.85
CA ARG B 214 0.13 28.77 0.97
C ARG B 214 0.69 28.64 -0.45
N PRO B 215 -0.11 28.88 -1.51
CA PRO B 215 -1.55 29.10 -1.41
C PRO B 215 -2.43 27.83 -1.47
N SER B 216 -1.80 26.66 -1.59
CA SER B 216 -2.44 25.32 -1.73
C SER B 216 -3.47 25.09 -0.62
N GLY B 217 -3.06 25.31 0.63
CA GLY B 217 -3.84 25.04 1.85
C GLY B 217 -5.01 25.98 2.02
N ASN B 218 -4.94 27.17 1.41
CA ASN B 218 -6.03 28.19 1.46
C ASN B 218 -7.07 28.01 0.35
N LEU B 219 -6.76 27.31 -0.75
CA LEU B 219 -7.71 27.16 -1.88
C LEU B 219 -9.03 26.56 -1.38
N PRO B 220 -9.01 25.50 -0.55
CA PRO B 220 -10.25 24.91 -0.04
C PRO B 220 -11.19 25.95 0.60
N LEU B 221 -10.60 26.90 1.36
CA LEU B 221 -11.34 28.01 2.03
C LEU B 221 -12.07 28.87 0.98
N ALA B 222 -11.62 28.86 -0.27
CA ALA B 222 -12.18 29.71 -1.36
C ALA B 222 -13.61 29.24 -1.68
N THR B 223 -13.88 27.94 -1.47
CA THR B 223 -15.20 27.29 -1.67
C THR B 223 -16.18 27.85 -0.61
N LYS B 224 -15.67 28.26 0.55
CA LYS B 224 -16.53 28.77 1.66
C LYS B 224 -17.11 30.14 1.30
N ARG B 225 -16.50 30.88 0.36
CA ARG B 225 -17.13 32.10 -0.24
C ARG B 225 -18.35 31.69 -1.07
N ARG B 226 -19.50 32.32 -0.80
CA ARG B 226 -20.81 32.16 -1.52
C ARG B 226 -21.46 30.82 -1.18
N GLY B 227 -21.29 30.33 0.07
CA GLY B 227 -22.16 29.30 0.66
C GLY B 227 -21.68 27.87 0.39
N GLY B 228 -20.48 27.69 -0.13
CA GLY B 228 -19.90 26.36 -0.39
C GLY B 228 -19.57 25.66 0.92
N ARG B 229 -19.60 24.32 0.92
CA ARG B 229 -19.23 23.49 2.11
C ARG B 229 -17.77 23.06 1.96
N LEU B 230 -17.14 22.77 3.10
CA LEU B 230 -15.72 22.32 3.21
C LEU B 230 -15.76 21.04 4.06
N VAL B 231 -15.16 19.95 3.58
CA VAL B 231 -14.97 18.72 4.39
C VAL B 231 -13.47 18.47 4.51
N ILE B 232 -12.94 18.41 5.73
CA ILE B 232 -11.54 18.02 5.98
C ILE B 232 -11.55 16.55 6.43
N VAL B 233 -10.77 15.69 5.75
CA VAL B 233 -10.46 14.27 6.13
C VAL B 233 -8.96 14.20 6.46
N ASN B 234 -8.64 14.07 7.75
CA ASN B 234 -7.22 14.06 8.18
C ASN B 234 -7.11 13.32 9.50
N LEU B 235 -5.99 12.65 9.73
CA LEU B 235 -5.72 12.04 11.05
C LEU B 235 -5.35 13.12 12.08
N GLN B 236 -4.70 14.20 11.64
CA GLN B 236 -4.15 15.27 12.51
C GLN B 236 -4.93 16.55 12.27
N PRO B 237 -4.90 17.49 13.23
CA PRO B 237 -5.39 18.85 12.99
C PRO B 237 -4.76 19.52 11.76
N THR B 238 -5.48 20.48 11.18
CA THR B 238 -5.12 21.23 9.95
C THR B 238 -5.33 22.72 10.19
N LYS B 239 -4.52 23.57 9.55
CA LYS B 239 -4.66 25.04 9.70
C LYS B 239 -6.16 25.41 9.79
N HIS B 240 -6.99 24.93 8.86
CA HIS B 240 -8.37 25.44 8.64
C HIS B 240 -9.43 24.51 9.21
N ASP B 241 -9.15 23.78 10.30
CA ASP B 241 -10.10 22.84 10.95
C ASP B 241 -11.38 23.57 11.35
N ARG B 242 -11.23 24.82 11.82
CA ARG B 242 -12.29 25.71 12.34
C ARG B 242 -13.30 26.04 11.22
N HIS B 243 -12.87 26.10 9.96
CA HIS B 243 -13.73 26.56 8.83
C HIS B 243 -14.42 25.39 8.13
N ALA B 244 -14.19 24.15 8.57
CA ALA B 244 -14.84 22.94 7.99
C ALA B 244 -16.31 22.85 8.46
N ASP B 245 -17.21 22.43 7.56
CA ASP B 245 -18.58 22.03 7.94
C ASP B 245 -18.57 20.59 8.48
N LEU B 246 -17.49 19.83 8.19
CA LEU B 246 -17.36 18.38 8.50
C LEU B 246 -15.87 18.01 8.53
N ARG B 247 -15.38 17.54 9.67
CA ARG B 247 -14.02 16.97 9.80
C ARG B 247 -14.22 15.48 10.04
N ILE B 248 -13.51 14.64 9.30
CA ILE B 248 -13.49 13.17 9.54
C ILE B 248 -12.07 12.75 9.89
N HIS B 249 -11.91 12.20 11.10
CA HIS B 249 -10.59 11.83 11.65
C HIS B 249 -10.48 10.31 11.53
N GLY B 250 -9.72 9.86 10.53
CA GLY B 250 -9.64 8.44 10.11
C GLY B 250 -8.71 8.25 8.92
N TYR B 251 -8.28 7.01 8.66
CA TYR B 251 -7.53 6.64 7.42
C TYR B 251 -8.40 6.98 6.22
N VAL B 252 -7.84 7.79 5.32
CA VAL B 252 -8.55 8.29 4.12
C VAL B 252 -9.10 7.10 3.32
N ASP B 253 -8.33 6.02 3.20
CA ASP B 253 -8.75 4.79 2.46
C ASP B 253 -10.02 4.18 3.04
N GLU B 254 -10.15 4.14 4.37
CA GLU B 254 -11.37 3.60 5.02
C GLU B 254 -12.55 4.50 4.64
N VAL B 255 -12.34 5.81 4.78
CA VAL B 255 -13.41 6.82 4.57
C VAL B 255 -13.92 6.66 3.13
N MET B 256 -13.01 6.67 2.15
CA MET B 256 -13.37 6.65 0.70
C MET B 256 -13.97 5.29 0.34
N THR B 257 -13.50 4.19 0.95
CA THR B 257 -14.08 2.85 0.68
C THR B 257 -15.50 2.77 1.23
N ARG B 258 -15.78 3.42 2.36
CA ARG B 258 -17.16 3.45 2.92
C ARG B 258 -17.98 4.41 2.08
N LEU B 259 -17.40 5.54 1.69
CA LEU B 259 -18.09 6.57 0.87
C LEU B 259 -18.55 5.96 -0.46
N MET B 260 -17.63 5.40 -1.25
CA MET B 260 -17.87 4.71 -2.55
C MET B 260 -19.01 3.71 -2.46
N LYS B 261 -19.00 2.88 -1.42
CA LYS B 261 -20.07 1.88 -1.10
C LYS B 261 -21.41 2.60 -0.87
N HIS B 262 -21.43 3.76 -0.21
CA HIS B 262 -22.66 4.55 0.04
C HIS B 262 -23.19 5.03 -1.31
N LEU B 263 -22.29 5.46 -2.18
CA LEU B 263 -22.60 5.98 -3.53
C LEU B 263 -22.89 4.85 -4.54
N GLY B 264 -22.68 3.59 -4.17
CA GLY B 264 -22.94 2.44 -5.07
C GLY B 264 -21.88 2.36 -6.15
N LEU B 265 -20.69 2.88 -5.90
CA LEU B 265 -19.56 2.84 -6.86
C LEU B 265 -18.53 1.83 -6.43
N GLU B 266 -18.07 1.01 -7.37
CA GLU B 266 -16.89 0.11 -7.16
C GLU B 266 -15.62 0.96 -7.26
N ILE B 267 -14.54 0.48 -6.66
CA ILE B 267 -13.19 1.05 -6.87
C ILE B 267 -12.53 0.24 -7.99
N PRO B 268 -12.24 0.90 -9.13
CA PRO B 268 -11.63 0.24 -10.28
C PRO B 268 -10.19 -0.24 -10.06
N ALA B 269 -9.93 -1.35 -10.73
CA ALA B 269 -8.63 -2.04 -10.87
C ALA B 269 -7.61 -1.07 -11.48
N TRP B 270 -6.43 -1.01 -10.87
CA TRP B 270 -5.23 -0.33 -11.42
C TRP B 270 -4.49 -1.28 -12.37
N ASP B 271 -4.48 -0.97 -13.66
CA ASP B 271 -3.87 -1.83 -14.72
C ASP B 271 -2.35 -1.67 -14.71
N GLY B 272 -1.82 -0.80 -13.84
CA GLY B 272 -0.41 -0.40 -13.87
C GLY B 272 -0.29 0.98 -14.49
N PRO B 273 0.93 1.54 -14.61
CA PRO B 273 1.09 2.97 -14.90
C PRO B 273 0.56 3.39 -16.27
N ARG B 274 -0.40 4.33 -16.27
CA ARG B 274 -1.06 4.83 -17.51
C ARG B 274 -1.28 6.33 -17.39
N VAL B 275 -1.29 7.03 -18.53
CA VAL B 275 -1.43 8.51 -18.61
C VAL B 275 -2.65 8.76 -19.50
N LEU B 276 -3.69 9.37 -18.94
CA LEU B 276 -4.86 9.92 -19.66
C LEU B 276 -4.76 11.46 -19.67
N GLU B 277 -4.64 12.09 -20.84
CA GLU B 277 -4.52 13.58 -20.92
C GLU B 277 -5.89 14.25 -20.72
N ARG B 278 -6.97 13.64 -21.25
CA ARG B 278 -8.28 14.33 -21.34
C ARG B 278 -9.37 13.48 -20.70
N ALA B 279 -10.09 14.10 -19.76
CA ALA B 279 -11.38 13.62 -19.23
C ALA B 279 -12.32 13.26 -20.39
N LEU B 280 -13.00 12.14 -20.22
CA LEU B 280 -14.09 11.63 -21.08
C LEU B 280 -15.42 12.21 -20.61
N PRO B 281 -16.48 12.13 -21.43
CA PRO B 281 -17.84 12.36 -20.94
C PRO B 281 -18.11 11.42 -19.75
N PRO B 282 -18.87 11.86 -18.73
CA PRO B 282 -19.20 10.99 -17.60
C PRO B 282 -19.80 9.62 -17.95
N LEU B 283 -19.35 8.57 -17.25
CA LEU B 283 -19.96 7.22 -17.35
C LEU B 283 -21.27 7.19 -16.57
N PRO B 284 -22.20 6.24 -16.85
CA PRO B 284 -23.43 6.14 -16.08
C PRO B 284 -23.15 6.00 -14.57
N ARG B 285 -24.02 6.55 -13.70
CA ARG B 285 -23.92 6.33 -12.24
C ARG B 285 -25.30 6.06 -11.65
N PRO B 286 -25.39 5.42 -10.46
CA PRO B 286 -26.68 5.12 -9.86
C PRO B 286 -27.51 6.38 -9.67
N PRO B 287 -28.86 6.26 -9.66
CA PRO B 287 -29.73 7.40 -9.37
C PRO B 287 -29.55 7.85 -7.92
N THR B 288 -29.74 9.14 -7.65
CA THR B 288 -29.53 9.79 -6.34
C THR B 288 -30.63 9.40 -5.37
N PRO B 289 -30.32 9.25 -4.06
CA PRO B 289 -31.35 9.08 -3.04
C PRO B 289 -32.19 10.35 -2.86
N LYS B 290 -33.33 10.19 -2.20
CA LYS B 290 -34.14 11.25 -1.57
C LYS B 290 -33.46 11.62 -0.25
N LEU B 291 -33.11 12.90 -0.08
CA LEU B 291 -32.17 13.34 1.00
C LEU B 291 -32.96 13.90 2.19
N GLU B 292 -33.87 14.85 1.98
CA GLU B 292 -34.71 15.45 3.05
C GLU B 292 -35.74 14.43 3.51
N1 AR6 C . 10.94 -5.12 0.67
C2 AR6 C . 11.88 -5.96 1.12
N3 AR6 C . 12.24 -6.22 2.38
C4 AR6 C . 11.47 -5.54 3.23
C5 AR6 C . 10.47 -4.65 2.92
C6 AR6 C . 10.19 -4.42 1.56
N6 AR6 C . 9.25 -3.61 1.09
N7 AR6 C . 9.93 -4.14 4.09
C8 AR6 C . 10.56 -4.76 5.05
N9 AR6 C . 11.53 -5.58 4.59
PA AR6 C . 10.99 -8.84 10.68
PB AR6 C . 9.39 -11.27 10.47
C1' AR6 C . 12.45 -6.42 5.39
O1A AR6 C . 11.92 -9.53 11.62
O1B AR6 C . 8.16 -11.61 9.72
C1D AR6 C . 7.71 -11.17 15.43
O1D AR6 C . 7.88 -11.17 16.81
C2' AR6 C . 13.14 -5.74 6.57
O2' AR6 C . 14.44 -5.36 6.18
O2A AR6 C . 10.68 -7.40 10.99
O2B AR6 C . 10.68 -11.79 9.97
C2D AR6 C . 6.40 -11.83 14.94
O2D AR6 C . 5.99 -12.98 15.65
C3' AR6 C . 13.20 -6.87 7.62
O3' AR6 C . 14.48 -7.46 7.58
O3A AR6 C . 9.60 -9.66 10.53
C3D AR6 C . 6.79 -12.20 13.50
O3D AR6 C . 5.89 -13.15 12.92
C4' AR6 C . 12.15 -7.89 7.18
O4' AR6 C . 11.61 -7.40 5.92
C4D AR6 C . 8.19 -12.74 13.77
O4D AR6 C . 8.74 -11.91 14.81
C5' AR6 C . 11.02 -8.16 8.12
O5' AR6 C . 11.50 -9.00 9.19
C5D AR6 C . 9.15 -12.78 12.61
O5D AR6 C . 9.25 -11.47 12.04
ZN ZN D . -17.47 -26.13 17.37
C1 PEG E . -3.66 0.58 13.93
O1 PEG E . -4.30 0.97 12.73
C2 PEG E . -3.89 -0.86 14.22
O2 PEG E . -3.09 -1.29 15.31
C3 PEG E . -3.79 -2.18 16.18
C4 PEG E . -2.88 -3.28 16.61
O4 PEG E . -3.60 -4.48 16.91
C1 PEG F . 12.56 5.68 -2.61
O1 PEG F . 12.86 4.39 -2.11
C2 PEG F . 13.44 6.73 -2.01
O2 PEG F . 13.02 8.02 -2.46
C3 PEG F . 13.78 9.09 -1.95
C4 PEG F . 13.94 10.16 -3.00
O4 PEG F . 15.01 11.05 -2.71
S SO4 G . 25.15 -10.13 -2.18
O1 SO4 G . 25.26 -10.87 -3.40
O2 SO4 G . 24.35 -10.84 -1.20
O3 SO4 G . 24.53 -8.85 -2.44
O4 SO4 G . 26.47 -9.94 -1.65
S SO4 H . -6.35 -3.76 -8.44
O1 SO4 H . -7.55 -3.99 -7.71
O2 SO4 H . -5.22 -4.05 -7.59
O3 SO4 H . -6.33 -4.61 -9.60
O4 SO4 H . -6.29 -2.38 -8.86
S SO4 I . -14.25 -9.06 19.20
O1 SO4 I . -14.27 -10.14 18.24
O2 SO4 I . -13.42 -9.45 20.30
O3 SO4 I . -15.58 -8.77 19.65
O4 SO4 I . -13.73 -7.87 18.57
S SO4 J . 14.18 -25.61 14.22
O1 SO4 J . 13.41 -26.39 15.16
O2 SO4 J . 15.60 -25.75 14.53
O3 SO4 J . 13.94 -26.05 12.88
O4 SO4 J . 13.78 -24.24 14.34
N3 3AB K . 3.77 -4.71 12.82
C3 3AB K . 2.87 -5.75 12.71
C2 3AB K . 2.85 -6.53 11.55
C4 3AB K . 1.97 -6.03 13.74
C5 3AB K . 1.07 -7.06 13.62
C6 3AB K . 1.06 -7.84 12.47
C1 3AB K . 1.95 -7.59 11.44
C1' 3AB K . 1.95 -8.43 10.19
O1' 3AB K . 1.57 -9.60 10.25
N1' 3AB K . 2.38 -7.90 9.04
CL CL L . -0.01 -10.94 21.62
N1 AR6 M . -5.41 9.05 6.27
C2 AR6 M . -5.65 10.34 6.57
N3 AR6 M . -4.79 11.29 6.89
C4 AR6 M . -3.52 10.82 6.84
C5 AR6 M . -3.12 9.53 6.55
C6 AR6 M . -4.13 8.60 6.23
N6 AR6 M . -3.89 7.34 5.84
N7 AR6 M . -1.74 9.44 6.60
C8 AR6 M . -1.34 10.65 6.91
N9 AR6 M . -2.38 11.52 7.11
PA AR6 M . 1.42 16.96 5.46
PB AR6 M . 0.86 17.91 2.77
C1' AR6 M . -2.37 12.94 7.45
O1A AR6 M . 1.59 18.39 5.86
O1B AR6 M . 0.49 17.29 1.46
C1D AR6 M . 5.47 19.97 2.04
O1D AR6 M . 6.54 20.76 2.36
C2' AR6 M . -1.43 13.41 8.56
O2' AR6 M . -2.14 13.43 9.76
O2A AR6 M . 2.21 15.91 6.15
O2B AR6 M . -0.24 18.62 3.47
C2D AR6 M . 5.43 19.61 0.55
O2D AR6 M . 5.79 20.64 -0.35
C3' AR6 M . -1.06 14.83 8.09
O3' AR6 M . -1.83 15.79 8.80
O3A AR6 M . 1.49 16.87 3.84
C3D AR6 M . 3.95 19.27 0.38
O3D AR6 M . 3.58 19.34 -0.99
C4' AR6 M . -1.44 14.89 6.61
O4' AR6 M . -1.98 13.59 6.28
C4D AR6 M . 3.32 20.38 1.23
O4D AR6 M . 4.26 20.67 2.27
C5' AR6 M . -0.34 15.16 5.62
O5' AR6 M . -0.11 16.59 5.57
C5D AR6 M . 2.01 20.07 1.88
O5D AR6 M . 2.14 18.84 2.61
ZN ZN N . 10.74 21.91 -26.63
C1 EDO O . 11.97 14.80 -0.79
O1 EDO O . 11.43 14.97 -2.09
C2 EDO O . 11.99 13.39 -0.33
O2 EDO O . 12.55 12.49 -1.27
S SO4 P . 6.85 4.63 8.94
O1 SO4 P . 7.17 3.28 8.61
O2 SO4 P . 7.37 4.90 10.24
O3 SO4 P . 7.43 5.53 7.99
O4 SO4 P . 5.41 4.76 8.91
S SO4 Q . -14.07 17.27 15.68
O1 SO4 Q . -13.53 16.10 16.32
O2 SO4 Q . -15.30 17.64 16.31
O3 SO4 Q . -14.32 16.99 14.29
O4 SO4 Q . -13.13 18.34 15.78
S SO4 R . 17.75 11.44 -14.56
O1 SO4 R . 17.52 10.49 -13.50
O2 SO4 R . 18.18 10.75 -15.74
O3 SO4 R . 18.79 12.35 -14.16
O4 SO4 R . 16.55 12.19 -14.83
S SO4 S . -2.23 32.82 -0.59
O1 SO4 S . -2.55 31.61 0.14
O2 SO4 S . -0.88 32.75 -1.07
O3 SO4 S . -3.14 32.94 -1.71
O4 SO4 S . -2.38 33.97 0.25
N3 3AB T . 7.67 11.92 1.54
C3 3AB T . 7.33 12.37 0.27
C2 3AB T . 6.02 12.24 -0.21
C4 3AB T . 8.30 12.98 -0.53
C5 3AB T . 7.99 13.42 -1.79
C6 3AB T . 6.69 13.29 -2.27
C1 3AB T . 5.70 12.69 -1.49
C1' 3AB T . 4.33 12.61 -2.12
O1' 3AB T . 4.11 13.30 -3.13
N1' 3AB T . 3.38 11.87 -1.55
#